data_3IQV
#
_entry.id   3IQV
#
_cell.length_a   82.370
_cell.length_b   111.750
_cell.length_c   62.490
_cell.angle_alpha   90.00
_cell.angle_beta   90.00
_cell.angle_gamma   90.00
#
_symmetry.space_group_name_H-M   'C 2 2 21'
#
loop_
_entity.id
_entity.type
_entity.pdbx_description
1 polymer '14-3-3 protein sigma'
2 polymer '6-mer peptide from RAF proto-oncogene serine/threonine-protein kinase'
3 non-polymer FUSICOCCIN
4 non-polymer 'CHLORIDE ION'
5 non-polymer 'MAGNESIUM ION'
6 water water
#
loop_
_entity_poly.entity_id
_entity_poly.type
_entity_poly.pdbx_seq_one_letter_code
_entity_poly.pdbx_strand_id
1 'polypeptide(L)'
;GAMGSMERASLIQKAKLAEQAERYEDMAAFMKGAVEKGEELS(CSO)EERNLLSVAYKNVVGGQRAAWRVLSSIEQKSNE
EGSEEKGPEVREYREKVETELQGVCDTVLGLLDSHLIKEAGDAESRVFYLKMKGDYYRYLAEVATGDDKKRIIDSARSAY
QEAMDISKKEMPPTNPIRLGLALNFSVFHYEIANSPEEAISLAKTTFDEAMADLHTLSEDSYKDSTLIMQLLRDNLTLWT
;
A
2 'polypeptide(L)' QRST(SEP)T P
#
# COMPACT_ATOMS: atom_id res chain seq x y z
N GLY A 1 20.41 -13.31 2.68
CA GLY A 1 20.51 -13.07 1.19
C GLY A 1 21.79 -12.36 0.81
N ALA A 2 21.80 -11.54 -0.27
CA ALA A 2 23.02 -10.79 -0.67
C ALA A 2 23.32 -9.80 0.41
N MET A 3 22.34 -9.41 1.30
CA MET A 3 22.60 -8.47 2.39
C MET A 3 23.00 -9.10 3.72
N GLY A 4 23.15 -10.41 3.75
CA GLY A 4 23.43 -11.12 4.95
C GLY A 4 24.74 -10.73 5.61
N SER A 5 25.71 -10.29 4.84
CA SER A 5 26.95 -9.93 5.41
CA SER A 5 26.99 -9.88 5.36
C SER A 5 27.04 -8.46 5.87
N MET A 6 26.02 -7.66 5.60
CA MET A 6 26.08 -6.26 5.95
C MET A 6 25.41 -5.99 7.30
N GLU A 7 26.02 -5.17 8.14
CA GLU A 7 25.45 -4.80 9.41
C GLU A 7 24.06 -4.22 9.25
N ARG A 8 23.18 -4.51 10.23
CA ARG A 8 21.85 -3.89 10.23
C ARG A 8 21.91 -2.39 10.16
N ALA A 9 22.77 -1.74 10.97
CA ALA A 9 22.81 -0.30 11.00
C ALA A 9 23.29 0.24 9.65
N SER A 10 24.20 -0.46 9.01
CA SER A 10 24.69 -0.04 7.72
C SER A 10 23.62 -0.11 6.64
N LEU A 11 22.78 -1.17 6.70
CA LEU A 11 21.65 -1.30 5.78
C LEU A 11 20.71 -0.18 5.94
N ILE A 12 20.38 0.21 7.18
CA ILE A 12 19.51 1.35 7.46
CA ILE A 12 19.47 1.31 7.33
C ILE A 12 20.09 2.65 6.91
N GLN A 13 21.39 2.85 7.19
CA GLN A 13 22.07 4.04 6.71
CA GLN A 13 22.06 4.04 6.72
C GLN A 13 21.99 4.10 5.20
N LYS A 14 22.28 3.00 4.53
CA LYS A 14 22.27 2.98 3.07
C LYS A 14 20.84 3.14 2.50
N ALA A 15 19.84 2.63 3.19
CA ALA A 15 18.45 2.88 2.78
C ALA A 15 18.14 4.35 2.74
N LYS A 16 18.64 5.08 3.77
CA LYS A 16 18.44 6.49 3.82
C LYS A 16 19.17 7.23 2.71
N LEU A 17 20.39 6.80 2.40
CA LEU A 17 21.11 7.38 1.25
C LEU A 17 20.39 7.12 -0.07
N ALA A 18 19.89 5.88 -0.21
CA ALA A 18 19.15 5.49 -1.42
C ALA A 18 17.91 6.36 -1.59
N GLU A 19 17.20 6.63 -0.48
CA GLU A 19 16.04 7.50 -0.51
C GLU A 19 16.41 8.90 -1.05
N GLN A 20 17.52 9.46 -0.54
CA GLN A 20 17.97 10.76 -0.96
C GLN A 20 18.30 10.78 -2.44
N ALA A 21 18.86 9.68 -2.94
CA ALA A 21 19.22 9.53 -4.32
C ALA A 21 18.06 9.09 -5.24
N GLU A 22 16.91 8.83 -4.68
CA GLU A 22 15.76 8.29 -5.39
C GLU A 22 16.04 6.96 -6.07
N ARG A 23 16.83 6.16 -5.38
CA ARG A 23 17.22 4.82 -5.82
C ARG A 23 16.36 3.82 -5.07
N TYR A 24 15.08 3.70 -5.47
CA TYR A 24 14.13 3.00 -4.64
C TYR A 24 14.30 1.50 -4.66
N GLU A 25 14.76 0.91 -5.78
CA GLU A 25 15.05 -0.54 -5.78
CA GLU A 25 15.06 -0.49 -5.83
C GLU A 25 16.16 -0.82 -4.83
N ASP A 26 17.21 -0.03 -4.79
CA ASP A 26 18.25 -0.24 -3.82
C ASP A 26 17.72 -0.06 -2.42
N MET A 27 16.93 0.98 -2.19
CA MET A 27 16.35 1.23 -0.89
C MET A 27 15.61 0.02 -0.36
N ALA A 28 14.77 -0.55 -1.26
CA ALA A 28 13.97 -1.74 -0.92
C ALA A 28 14.87 -2.92 -0.59
N ALA A 29 15.91 -3.14 -1.36
CA ALA A 29 16.79 -4.25 -1.11
C ALA A 29 17.52 -4.08 0.23
N PHE A 30 17.94 -2.86 0.57
CA PHE A 30 18.56 -2.61 1.85
C PHE A 30 17.59 -2.88 3.00
N MET A 31 16.34 -2.40 2.85
CA MET A 31 15.37 -2.63 3.91
C MET A 31 14.93 -4.07 4.01
N LYS A 32 14.88 -4.82 2.94
CA LYS A 32 14.65 -6.26 2.99
C LYS A 32 15.75 -6.91 3.80
N GLY A 33 16.99 -6.52 3.53
CA GLY A 33 18.11 -7.01 4.30
C GLY A 33 17.98 -6.72 5.77
N ALA A 34 17.57 -5.50 6.09
CA ALA A 34 17.39 -5.12 7.49
C ALA A 34 16.31 -5.95 8.13
N VAL A 35 15.18 -6.13 7.50
CA VAL A 35 14.10 -6.97 8.02
C VAL A 35 14.61 -8.36 8.31
N GLU A 36 15.37 -8.91 7.40
CA GLU A 36 15.85 -10.27 7.48
C GLU A 36 16.86 -10.49 8.61
N LYS A 37 17.34 -9.45 9.25
CA LYS A 37 18.14 -9.59 10.45
C LYS A 37 17.35 -10.16 11.60
N GLY A 38 16.00 -10.06 11.55
CA GLY A 38 15.18 -10.73 12.52
C GLY A 38 14.72 -9.87 13.66
N GLU A 39 15.23 -8.67 13.83
CA GLU A 39 14.85 -7.74 14.86
CA GLU A 39 14.85 -7.75 14.86
C GLU A 39 13.61 -6.95 14.41
N GLU A 40 12.79 -6.51 15.34
CA GLU A 40 11.65 -5.64 15.02
C GLU A 40 12.19 -4.34 14.43
N LEU A 41 11.35 -3.63 13.67
CA LEU A 41 11.67 -2.33 13.07
C LEU A 41 11.09 -1.21 13.97
N SER A 42 11.85 -0.13 14.07
CA SER A 42 11.37 1.09 14.68
C SER A 42 10.36 1.80 13.79
N GLU A 44 10.64 4.79 12.44
CA GLU A 44 11.31 5.38 11.29
CA GLU A 44 11.27 5.36 11.27
C GLU A 44 11.66 4.28 10.29
N GLU A 45 12.13 3.14 10.76
CA GLU A 45 12.50 2.05 9.88
C GLU A 45 11.30 1.49 9.09
N ARG A 46 10.15 1.40 9.74
CA ARG A 46 8.96 0.99 9.03
C ARG A 46 8.65 1.88 7.89
N ASN A 47 8.78 3.19 8.09
CA ASN A 47 8.54 4.16 7.03
C ASN A 47 9.49 3.97 5.88
N LEU A 48 10.76 3.70 6.16
CA LEU A 48 11.69 3.42 5.07
C LEU A 48 11.24 2.20 4.27
N LEU A 49 10.87 1.15 4.96
CA LEU A 49 10.42 -0.05 4.26
C LEU A 49 9.25 0.23 3.34
N SER A 50 8.24 0.91 3.91
CA SER A 50 7.04 1.14 3.17
CA SER A 50 7.03 1.15 3.18
C SER A 50 7.27 2.05 1.98
N VAL A 51 8.06 3.12 2.14
CA VAL A 51 8.27 4.05 1.06
C VAL A 51 9.04 3.36 -0.08
N ALA A 52 10.02 2.56 0.27
CA ALA A 52 10.84 1.90 -0.72
C ALA A 52 9.96 1.05 -1.61
N TYR A 53 9.22 0.15 -1.07
CA TYR A 53 8.39 -0.75 -1.85
C TYR A 53 7.24 -0.03 -2.51
N LYS A 54 6.66 0.99 -1.88
CA LYS A 54 5.59 1.74 -2.50
CA LYS A 54 5.58 1.75 -2.51
C LYS A 54 6.06 2.32 -3.83
N ASN A 55 7.29 2.86 -3.82
CA ASN A 55 7.83 3.47 -5.02
C ASN A 55 8.18 2.44 -6.06
N VAL A 56 8.80 1.32 -5.68
CA VAL A 56 9.10 0.27 -6.64
C VAL A 56 7.82 -0.22 -7.31
N VAL A 57 6.85 -0.65 -6.52
CA VAL A 57 5.61 -1.22 -7.08
CA VAL A 57 5.66 -1.24 -7.13
C VAL A 57 4.85 -0.14 -7.80
N GLY A 58 4.92 1.11 -7.30
CA GLY A 58 4.17 2.15 -7.98
C GLY A 58 4.63 2.35 -9.40
N GLY A 59 5.92 2.29 -9.61
CA GLY A 59 6.47 2.37 -10.97
C GLY A 59 6.01 1.23 -11.84
N GLN A 60 6.04 0.04 -11.28
CA GLN A 60 5.58 -1.16 -12.02
C GLN A 60 4.12 -1.08 -12.37
N ARG A 61 3.28 -0.61 -11.43
CA ARG A 61 1.85 -0.48 -11.66
C ARG A 61 1.61 0.51 -12.79
N ALA A 62 2.33 1.65 -12.75
CA ALA A 62 2.12 2.68 -13.76
C ALA A 62 2.49 2.10 -15.16
N ALA A 63 3.58 1.35 -15.25
CA ALA A 63 3.99 0.73 -16.52
C ALA A 63 2.98 -0.29 -16.96
N TRP A 64 2.50 -1.13 -16.01
CA TRP A 64 1.52 -2.11 -16.32
C TRP A 64 0.25 -1.46 -16.91
N ARG A 65 -0.18 -0.34 -16.33
CA ARG A 65 -1.39 0.29 -16.81
CA ARG A 65 -1.39 0.30 -16.81
C ARG A 65 -1.17 0.81 -18.26
N VAL A 66 -0.01 1.37 -18.56
CA VAL A 66 0.26 1.83 -19.95
C VAL A 66 0.14 0.63 -20.88
N LEU A 67 0.79 -0.48 -20.52
CA LEU A 67 0.82 -1.65 -21.40
C LEU A 67 -0.56 -2.30 -21.54
N SER A 68 -1.28 -2.39 -20.42
CA SER A 68 -2.64 -2.95 -20.45
CA SER A 68 -2.65 -2.87 -20.47
C SER A 68 -3.56 -2.08 -21.32
N SER A 69 -3.42 -0.75 -21.31
CA SER A 69 -4.23 0.08 -22.14
CA SER A 69 -4.24 0.09 -22.16
C SER A 69 -3.95 -0.16 -23.62
N ILE A 70 -2.70 -0.29 -23.98
CA ILE A 70 -2.31 -0.59 -25.36
C ILE A 70 -2.87 -1.97 -25.78
N GLU A 71 -2.81 -2.95 -24.89
CA GLU A 71 -3.31 -4.27 -25.14
C GLU A 71 -4.82 -4.21 -25.37
N GLN A 72 -5.53 -3.50 -24.53
CA GLN A 72 -6.96 -3.46 -24.64
C GLN A 72 -7.34 -2.78 -25.97
N LYS A 73 -6.66 -1.74 -26.37
CA LYS A 73 -6.90 -1.10 -27.64
C LYS A 73 -6.62 -2.04 -28.80
N SER A 74 -5.67 -2.95 -28.65
CA SER A 74 -5.36 -3.94 -29.69
C SER A 74 -6.46 -4.95 -29.88
N ASN A 75 -7.36 -5.08 -28.92
CA ASN A 75 -8.40 -6.04 -28.96
C ASN A 75 -9.75 -5.41 -29.43
N GLU A 76 -9.73 -4.12 -29.76
CA GLU A 76 -10.91 -3.43 -30.28
C GLU A 76 -11.20 -3.73 -31.76
N GLU A 77 -12.46 -3.58 -32.13
CA GLU A 77 -12.89 -3.76 -33.54
C GLU A 77 -12.10 -2.78 -34.45
N GLY A 78 -11.49 -3.38 -35.46
CA GLY A 78 -10.80 -2.57 -36.48
C GLY A 78 -9.33 -2.37 -36.20
N SER A 79 -8.82 -2.90 -35.07
CA SER A 79 -7.38 -2.84 -34.74
CA SER A 79 -7.39 -2.81 -34.74
C SER A 79 -6.59 -3.91 -35.46
N GLU A 80 -5.47 -3.53 -36.07
CA GLU A 80 -4.61 -4.44 -36.80
C GLU A 80 -4.00 -5.41 -35.83
N GLU A 81 -3.95 -6.66 -36.25
CA GLU A 81 -3.19 -7.67 -35.53
C GLU A 81 -1.71 -7.34 -35.55
N LYS A 82 -1.12 -7.35 -34.39
CA LYS A 82 0.31 -7.07 -34.26
C LYS A 82 1.12 -8.16 -33.56
N GLY A 83 0.51 -9.32 -33.33
CA GLY A 83 1.31 -10.40 -32.81
C GLY A 83 1.28 -10.41 -31.30
N PRO A 84 2.08 -11.30 -30.73
CA PRO A 84 2.01 -11.57 -29.29
C PRO A 84 2.79 -10.57 -28.44
N GLU A 85 3.48 -9.60 -29.02
CA GLU A 85 4.44 -8.85 -28.28
C GLU A 85 3.87 -8.02 -27.17
N VAL A 86 2.78 -7.30 -27.43
CA VAL A 86 2.18 -6.46 -26.36
C VAL A 86 1.78 -7.32 -25.17
N ARG A 87 1.08 -8.44 -25.40
CA ARG A 87 0.73 -9.33 -24.31
C ARG A 87 1.97 -9.82 -23.60
N GLU A 88 2.96 -10.26 -24.37
CA GLU A 88 4.17 -10.78 -23.75
C GLU A 88 4.82 -9.77 -22.81
N TYR A 89 4.94 -8.53 -23.29
CA TYR A 89 5.61 -7.51 -22.50
C TYR A 89 4.76 -7.15 -21.29
N ARG A 90 3.45 -7.01 -21.45
CA ARG A 90 2.57 -6.78 -20.30
C ARG A 90 2.75 -7.86 -19.29
N GLU A 91 2.79 -9.13 -19.74
CA GLU A 91 3.00 -10.26 -18.85
C GLU A 91 4.34 -10.18 -18.15
N LYS A 92 5.37 -9.76 -18.83
CA LYS A 92 6.70 -9.66 -18.19
CA LYS A 92 6.69 -9.61 -18.20
C LYS A 92 6.63 -8.64 -17.02
N VAL A 93 6.08 -7.47 -17.28
CA VAL A 93 5.93 -6.46 -16.26
C VAL A 93 5.07 -6.96 -15.15
N GLU A 94 3.94 -7.61 -15.51
CA GLU A 94 3.07 -8.18 -14.50
C GLU A 94 3.75 -9.17 -13.60
N THR A 95 4.54 -10.07 -14.18
CA THR A 95 5.19 -11.07 -13.38
C THR A 95 6.21 -10.44 -12.42
N GLU A 96 6.92 -9.42 -12.89
CA GLU A 96 7.86 -8.73 -12.04
CA GLU A 96 7.86 -8.70 -12.05
C GLU A 96 7.11 -8.01 -10.87
N LEU A 97 6.00 -7.38 -11.17
CA LEU A 97 5.16 -6.75 -10.16
C LEU A 97 4.72 -7.74 -9.12
N GLN A 98 4.18 -8.88 -9.61
CA GLN A 98 3.74 -9.92 -8.70
C GLN A 98 4.85 -10.41 -7.80
N GLY A 99 6.04 -10.53 -8.37
CA GLY A 99 7.20 -10.93 -7.59
C GLY A 99 7.55 -10.00 -6.44
N VAL A 100 7.47 -8.72 -6.71
CA VAL A 100 7.72 -7.69 -5.69
C VAL A 100 6.63 -7.79 -4.59
N CYS A 101 5.36 -7.92 -5.02
CA CYS A 101 4.32 -8.10 -4.03
C CYS A 101 4.52 -9.33 -3.19
N ASP A 102 4.89 -10.44 -3.82
CA ASP A 102 5.14 -11.64 -3.06
C ASP A 102 6.30 -11.51 -2.09
N THR A 103 7.31 -10.74 -2.48
CA THR A 103 8.45 -10.47 -1.61
C THR A 103 7.98 -9.71 -0.35
N VAL A 104 7.21 -8.65 -0.57
CA VAL A 104 6.73 -7.86 0.54
C VAL A 104 5.84 -8.70 1.45
N LEU A 105 4.87 -9.41 0.86
CA LEU A 105 4.00 -10.27 1.65
C LEU A 105 4.78 -11.30 2.44
N GLY A 106 5.85 -11.81 1.85
CA GLY A 106 6.71 -12.76 2.55
C GLY A 106 7.44 -12.17 3.76
N LEU A 107 7.89 -10.94 3.65
CA LEU A 107 8.52 -10.23 4.80
C LEU A 107 7.51 -10.03 5.88
N LEU A 108 6.27 -9.65 5.51
CA LEU A 108 5.21 -9.46 6.50
C LEU A 108 4.90 -10.75 7.21
N ASP A 109 4.87 -11.85 6.47
CA ASP A 109 4.52 -13.15 7.06
C ASP A 109 5.68 -13.78 7.76
N SER A 110 6.89 -13.41 7.52
CA SER A 110 8.10 -14.07 8.06
C SER A 110 9.14 -12.97 8.45
N HIS A 111 8.94 -12.26 9.60
CA HIS A 111 7.94 -12.54 10.64
C HIS A 111 7.43 -11.23 11.17
N LEU A 112 7.29 -10.16 10.35
CA LEU A 112 6.98 -8.84 10.89
C LEU A 112 5.66 -8.77 11.63
N ILE A 113 4.59 -9.34 11.02
CA ILE A 113 3.26 -9.22 11.65
C ILE A 113 3.22 -9.95 12.96
N LYS A 114 3.71 -11.17 13.00
CA LYS A 114 3.55 -11.97 14.21
C LYS A 114 4.28 -11.41 15.39
N GLU A 115 5.35 -10.63 15.20
CA GLU A 115 6.14 -10.04 16.25
CA GLU A 115 6.08 -10.05 16.31
C GLU A 115 5.62 -8.66 16.66
N ALA A 116 4.67 -8.07 15.90
CA ALA A 116 4.22 -6.72 16.12
C ALA A 116 3.11 -6.72 17.11
N GLY A 117 3.34 -6.22 18.30
CA GLY A 117 2.38 -6.18 19.40
C GLY A 117 1.78 -4.77 19.61
N ASP A 118 2.51 -3.72 19.36
CA ASP A 118 1.98 -2.37 19.56
C ASP A 118 1.03 -2.06 18.43
N ALA A 119 -0.01 -1.28 18.72
CA ALA A 119 -0.97 -1.02 17.67
C ALA A 119 -0.35 -0.29 16.50
N GLU A 120 0.62 0.61 16.69
CA GLU A 120 1.27 1.36 15.60
CA GLU A 120 1.11 1.33 15.56
CA GLU A 120 1.22 1.36 15.61
C GLU A 120 1.85 0.40 14.63
N SER A 121 2.60 -0.56 15.14
CA SER A 121 3.32 -1.46 14.25
C SER A 121 2.33 -2.43 13.59
N ARG A 122 1.45 -3.01 14.39
CA ARG A 122 0.56 -4.03 13.85
CA ARG A 122 0.59 -4.04 13.81
C ARG A 122 -0.34 -3.50 12.77
N VAL A 123 -0.91 -2.34 13.01
CA VAL A 123 -1.78 -1.70 12.02
C VAL A 123 -1.01 -1.35 10.76
N PHE A 124 0.20 -0.81 10.95
CA PHE A 124 1.06 -0.49 9.82
C PHE A 124 1.29 -1.68 8.90
N TYR A 125 1.69 -2.81 9.50
CA TYR A 125 1.99 -4.00 8.70
C TYR A 125 0.75 -4.62 8.10
N LEU A 126 -0.37 -4.62 8.79
CA LEU A 126 -1.60 -5.12 8.21
C LEU A 126 -2.08 -4.24 7.07
N LYS A 127 -1.93 -2.95 7.18
CA LYS A 127 -2.21 -2.04 6.08
C LYS A 127 -1.35 -2.42 4.86
N MET A 128 -0.05 -2.62 5.08
CA MET A 128 0.82 -3.05 3.99
C MET A 128 0.31 -4.36 3.40
N LYS A 129 -0.07 -5.31 4.22
CA LYS A 129 -0.57 -6.57 3.68
C LYS A 129 -1.78 -6.33 2.77
N GLY A 130 -2.70 -5.51 3.23
CA GLY A 130 -3.83 -5.15 2.39
C GLY A 130 -3.42 -4.47 1.09
N ASP A 131 -2.48 -3.54 1.18
CA ASP A 131 -2.00 -2.83 -0.01
C ASP A 131 -1.44 -3.82 -1.04
N TYR A 132 -0.55 -4.73 -0.62
CA TYR A 132 0.11 -5.58 -1.61
C TYR A 132 -0.83 -6.62 -2.14
N TYR A 133 -1.78 -7.14 -1.35
CA TYR A 133 -2.82 -7.94 -1.95
C TYR A 133 -3.70 -7.12 -2.92
N ARG A 134 -3.96 -5.86 -2.60
CA ARG A 134 -4.67 -4.99 -3.51
C ARG A 134 -3.95 -4.86 -4.85
N TYR A 135 -2.63 -4.69 -4.81
CA TYR A 135 -1.91 -4.60 -6.05
C TYR A 135 -1.94 -5.90 -6.87
N LEU A 136 -1.89 -7.03 -6.16
CA LEU A 136 -2.10 -8.34 -6.80
C LEU A 136 -3.49 -8.40 -7.43
N ALA A 137 -4.51 -7.87 -6.77
CA ALA A 137 -5.87 -7.87 -7.27
C ALA A 137 -6.03 -7.02 -8.51
N GLU A 138 -5.27 -5.93 -8.62
CA GLU A 138 -5.37 -5.08 -9.74
C GLU A 138 -5.04 -5.81 -11.06
N VAL A 139 -4.16 -6.81 -11.03
CA VAL A 139 -3.71 -7.52 -12.21
C VAL A 139 -4.33 -8.92 -12.31
N ALA A 140 -5.08 -9.36 -11.35
CA ALA A 140 -5.62 -10.66 -11.33
C ALA A 140 -6.81 -10.77 -12.22
N THR A 141 -6.89 -11.83 -12.95
CA THR A 141 -7.95 -12.05 -13.92
C THR A 141 -8.43 -13.47 -13.92
N GLY A 142 -7.83 -14.35 -13.12
CA GLY A 142 -8.26 -15.73 -13.11
C GLY A 142 -8.92 -16.34 -11.87
N ASP A 143 -8.64 -17.64 -11.63
CA ASP A 143 -9.52 -18.35 -10.64
C ASP A 143 -9.26 -18.00 -9.15
N ASP A 144 -8.11 -17.45 -8.84
CA ASP A 144 -7.79 -16.94 -7.47
CA ASP A 144 -7.84 -16.98 -7.47
C ASP A 144 -8.15 -15.48 -7.24
N LYS A 145 -8.72 -14.76 -8.22
CA LYS A 145 -8.98 -13.35 -8.08
C LYS A 145 -9.85 -13.03 -6.81
N LYS A 146 -10.92 -13.81 -6.66
CA LYS A 146 -11.73 -13.62 -5.47
C LYS A 146 -10.99 -13.81 -4.21
N ARG A 147 -10.15 -14.81 -4.14
CA ARG A 147 -9.36 -15.10 -2.92
C ARG A 147 -8.36 -13.98 -2.68
N ILE A 148 -7.75 -13.44 -3.75
CA ILE A 148 -6.82 -12.31 -3.55
C ILE A 148 -7.54 -11.12 -3.02
N ILE A 149 -8.70 -10.78 -3.58
CA ILE A 149 -9.51 -9.69 -3.07
C ILE A 149 -9.86 -9.90 -1.60
N ASP A 150 -10.28 -11.13 -1.26
CA ASP A 150 -10.63 -11.40 0.12
C ASP A 150 -9.47 -11.28 1.09
N SER A 151 -8.26 -11.68 0.63
CA SER A 151 -7.07 -11.50 1.42
C SER A 151 -6.78 -10.02 1.72
N ALA A 152 -6.95 -9.17 0.71
CA ALA A 152 -6.77 -7.72 0.90
C ALA A 152 -7.81 -7.25 1.92
N ARG A 153 -9.09 -7.61 1.70
CA ARG A 153 -10.16 -7.18 2.57
CA ARG A 153 -10.16 -7.16 2.58
C ARG A 153 -9.87 -7.57 4.01
N SER A 154 -9.51 -8.83 4.22
CA SER A 154 -9.25 -9.38 5.54
CA SER A 154 -9.33 -9.30 5.59
C SER A 154 -8.20 -8.63 6.32
N ALA A 155 -7.10 -8.34 5.61
CA ALA A 155 -5.97 -7.61 6.21
C ALA A 155 -6.39 -6.21 6.56
N TYR A 156 -7.05 -5.49 5.64
CA TYR A 156 -7.52 -4.16 5.92
C TYR A 156 -8.49 -4.15 7.10
N GLN A 157 -9.41 -5.13 7.13
CA GLN A 157 -10.42 -5.16 8.18
C GLN A 157 -9.78 -5.37 9.56
N GLU A 158 -8.83 -6.29 9.62
CA GLU A 158 -8.14 -6.50 10.89
C GLU A 158 -7.43 -5.23 11.36
N ALA A 159 -6.76 -4.56 10.39
CA ALA A 159 -6.11 -3.31 10.74
C ALA A 159 -7.10 -2.25 11.20
N MET A 160 -8.26 -2.17 10.52
CA MET A 160 -9.30 -1.21 10.93
CA MET A 160 -9.27 -1.22 10.88
C MET A 160 -9.78 -1.47 12.30
N ASP A 161 -10.02 -2.75 12.63
CA ASP A 161 -10.57 -3.03 13.96
C ASP A 161 -9.60 -2.62 15.05
N ILE A 162 -8.30 -2.91 14.87
CA ILE A 162 -7.28 -2.52 15.84
C ILE A 162 -7.20 -1.00 15.94
N SER A 163 -7.15 -0.35 14.79
CA SER A 163 -6.96 1.12 14.73
CA SER A 163 -7.03 1.13 14.71
C SER A 163 -8.10 1.83 15.46
N LYS A 164 -9.34 1.34 15.33
CA LYS A 164 -10.44 1.96 15.96
C LYS A 164 -10.43 1.80 17.45
N LYS A 165 -9.92 0.70 17.91
CA LYS A 165 -9.82 0.45 19.36
CA LYS A 165 -9.81 0.42 19.35
C LYS A 165 -8.65 1.14 20.00
N GLU A 166 -7.53 1.29 19.27
CA GLU A 166 -6.27 1.62 19.91
C GLU A 166 -5.69 2.95 19.55
N MET A 167 -6.16 3.61 18.50
CA MET A 167 -5.60 4.86 17.98
CA MET A 167 -5.58 4.85 17.96
C MET A 167 -6.60 5.94 17.93
N PRO A 168 -6.19 7.22 18.10
CA PRO A 168 -7.13 8.34 17.95
C PRO A 168 -7.52 8.48 16.49
N PRO A 169 -8.63 9.13 16.19
CA PRO A 169 -9.15 9.40 14.82
CA PRO A 169 -9.07 9.18 14.82
C PRO A 169 -8.22 10.11 13.95
N THR A 170 -7.30 10.89 14.53
CA THR A 170 -6.35 11.68 13.76
C THR A 170 -5.01 10.99 13.56
N ASN A 171 -4.79 9.80 14.08
CA ASN A 171 -3.50 9.15 13.94
C ASN A 171 -3.22 8.98 12.43
N PRO A 172 -2.05 9.35 11.94
CA PRO A 172 -1.77 9.24 10.51
C PRO A 172 -1.87 7.85 9.92
N ILE A 173 -1.45 6.84 10.69
CA ILE A 173 -1.56 5.46 10.22
C ILE A 173 -3.03 5.10 10.07
N ARG A 174 -3.85 5.38 11.11
CA ARG A 174 -5.27 5.09 11.04
C ARG A 174 -5.88 5.81 9.83
N LEU A 175 -5.55 7.06 9.61
CA LEU A 175 -6.09 7.80 8.49
C LEU A 175 -5.65 7.21 7.14
N GLY A 176 -4.37 6.86 7.02
CA GLY A 176 -3.89 6.30 5.77
C GLY A 176 -4.48 4.96 5.48
N LEU A 177 -4.66 4.12 6.52
CA LEU A 177 -5.36 2.88 6.35
C LEU A 177 -6.76 3.08 5.83
N ALA A 178 -7.50 3.99 6.44
CA ALA A 178 -8.90 4.24 6.01
C ALA A 178 -8.91 4.72 4.55
N LEU A 179 -8.00 5.62 4.21
CA LEU A 179 -7.86 6.09 2.86
C LEU A 179 -7.69 4.93 1.89
N ASN A 180 -6.76 4.06 2.17
CA ASN A 180 -6.48 2.97 1.26
C ASN A 180 -7.58 1.91 1.24
N PHE A 181 -8.21 1.64 2.39
CA PHE A 181 -9.32 0.70 2.39
C PHE A 181 -10.45 1.25 1.58
N SER A 182 -10.71 2.57 1.65
CA SER A 182 -11.74 3.20 0.81
CA SER A 182 -11.73 3.17 0.84
CA SER A 182 -11.72 3.21 0.81
C SER A 182 -11.39 3.05 -0.67
N VAL A 183 -10.15 3.24 -1.02
CA VAL A 183 -9.72 3.01 -2.40
C VAL A 183 -9.98 1.56 -2.82
N PHE A 184 -9.65 0.60 -1.96
CA PHE A 184 -10.00 -0.80 -2.18
C PHE A 184 -11.48 -0.96 -2.52
N HIS A 185 -12.35 -0.37 -1.68
CA HIS A 185 -13.78 -0.52 -1.91
C HIS A 185 -14.17 0.00 -3.28
N TYR A 186 -13.66 1.17 -3.64
CA TYR A 186 -14.05 1.84 -4.86
C TYR A 186 -13.50 1.15 -6.11
N GLU A 187 -12.22 0.81 -6.06
CA GLU A 187 -11.48 0.35 -7.29
CA GLU A 187 -11.49 0.37 -7.29
C GLU A 187 -11.41 -1.13 -7.44
N ILE A 188 -11.51 -1.90 -6.36
CA ILE A 188 -11.31 -3.35 -6.39
C ILE A 188 -12.60 -4.07 -6.12
N ALA A 189 -13.33 -3.68 -5.07
CA ALA A 189 -14.45 -4.42 -4.57
C ALA A 189 -15.82 -4.01 -5.15
N ASN A 190 -15.83 -3.12 -6.11
CA ASN A 190 -17.10 -2.72 -6.70
C ASN A 190 -18.07 -2.23 -5.66
N SER A 191 -17.58 -1.47 -4.71
CA SER A 191 -18.37 -0.97 -3.60
C SER A 191 -18.22 0.53 -3.41
N PRO A 192 -18.58 1.34 -4.40
CA PRO A 192 -18.34 2.75 -4.31
C PRO A 192 -19.07 3.40 -3.12
N GLU A 193 -20.26 2.93 -2.78
CA GLU A 193 -20.96 3.51 -1.63
C GLU A 193 -20.20 3.28 -0.34
N GLU A 194 -19.66 2.10 -0.17
CA GLU A 194 -18.85 1.80 0.99
C GLU A 194 -17.62 2.69 1.02
N ALA A 195 -16.97 2.90 -0.14
CA ALA A 195 -15.80 3.74 -0.22
C ALA A 195 -16.11 5.15 0.26
N ILE A 196 -17.21 5.71 -0.24
CA ILE A 196 -17.61 7.05 0.06
C ILE A 196 -17.99 7.17 1.54
N SER A 197 -18.75 6.23 2.08
CA SER A 197 -19.12 6.31 3.44
CA SER A 197 -19.13 6.22 3.49
C SER A 197 -17.92 6.22 4.36
N LEU A 198 -16.95 5.33 4.06
CA LEU A 198 -15.78 5.23 4.87
C LEU A 198 -14.97 6.52 4.82
N ALA A 199 -14.74 7.06 3.64
CA ALA A 199 -13.96 8.29 3.53
C ALA A 199 -14.60 9.42 4.28
N LYS A 200 -15.92 9.55 4.18
CA LYS A 200 -16.65 10.64 4.91
CA LYS A 200 -16.60 10.65 4.85
C LYS A 200 -16.59 10.50 6.39
N THR A 201 -16.87 9.33 6.88
CA THR A 201 -16.87 9.15 8.31
CA THR A 201 -16.85 9.07 8.28
C THR A 201 -15.44 9.30 8.85
N THR A 202 -14.45 8.82 8.14
CA THR A 202 -13.07 9.00 8.60
C THR A 202 -12.72 10.48 8.70
N PHE A 203 -13.04 11.24 7.62
CA PHE A 203 -12.75 12.64 7.59
C PHE A 203 -13.43 13.37 8.76
N ASP A 204 -14.69 13.12 8.93
CA ASP A 204 -15.45 13.83 9.95
C ASP A 204 -14.99 13.56 11.39
N GLU A 205 -14.67 12.31 11.64
CA GLU A 205 -14.16 11.91 12.94
CA GLU A 205 -14.21 11.93 12.96
C GLU A 205 -12.84 12.52 13.23
N ALA A 206 -11.99 12.61 12.23
CA ALA A 206 -10.69 13.27 12.39
C ALA A 206 -10.89 14.78 12.63
N MET A 207 -11.77 15.43 11.86
CA MET A 207 -11.96 16.84 12.06
CA MET A 207 -12.09 16.87 12.06
C MET A 207 -12.35 17.17 13.50
N ALA A 208 -13.20 16.35 14.11
CA ALA A 208 -13.68 16.51 15.46
C ALA A 208 -12.61 16.34 16.51
N ASP A 209 -11.49 15.70 16.17
CA ASP A 209 -10.38 15.46 17.08
C ASP A 209 -9.18 16.34 16.89
N LEU A 210 -9.21 17.19 15.87
CA LEU A 210 -8.06 18.08 15.66
C LEU A 210 -7.77 18.99 16.81
N HIS A 211 -8.77 19.36 17.57
CA HIS A 211 -8.59 20.30 18.67
C HIS A 211 -7.67 19.77 19.74
N THR A 212 -7.40 18.50 19.80
CA THR A 212 -6.59 17.89 20.79
C THR A 212 -5.12 17.94 20.44
N LEU A 213 -4.76 18.40 19.27
CA LEU A 213 -3.43 18.24 18.69
C LEU A 213 -2.57 19.43 18.81
N SER A 214 -1.26 19.19 18.83
CA SER A 214 -0.26 20.22 18.64
C SER A 214 -0.27 20.75 17.19
N GLU A 215 0.40 21.86 16.90
CA GLU A 215 0.48 22.37 15.58
C GLU A 215 1.10 21.34 14.62
N ASP A 216 2.13 20.62 15.08
CA ASP A 216 2.78 19.66 14.20
C ASP A 216 1.88 18.47 13.89
N SER A 217 1.22 17.97 14.93
CA SER A 217 0.34 16.84 14.69
C SER A 217 -0.81 17.22 13.78
N TYR A 218 -1.33 18.44 14.00
CA TYR A 218 -2.38 19.02 13.21
C TYR A 218 -1.98 19.01 11.75
N LYS A 219 -0.77 19.48 11.46
CA LYS A 219 -0.27 19.51 10.08
C LYS A 219 -0.25 18.06 9.55
N ASP A 220 0.19 17.06 10.33
CA ASP A 220 0.35 15.73 9.79
C ASP A 220 -1.05 15.12 9.43
N SER A 221 -2.00 15.35 10.33
CA SER A 221 -3.31 14.75 10.19
C SER A 221 -4.13 15.41 9.05
N THR A 222 -4.05 16.75 8.98
CA THR A 222 -4.80 17.49 7.98
C THR A 222 -4.25 17.19 6.60
N LEU A 223 -3.03 16.85 6.45
CA LEU A 223 -2.42 16.35 5.18
C LEU A 223 -3.21 15.17 4.62
N ILE A 224 -3.30 14.13 5.41
CA ILE A 224 -4.02 12.89 4.88
C ILE A 224 -5.49 13.15 4.76
N MET A 225 -6.04 13.97 5.62
CA MET A 225 -7.43 14.35 5.54
C MET A 225 -7.69 14.91 4.16
N GLN A 226 -6.79 15.73 3.64
CA GLN A 226 -6.96 16.30 2.29
C GLN A 226 -6.98 15.25 1.22
N LEU A 227 -6.24 14.18 1.39
CA LEU A 227 -6.32 13.07 0.44
C LEU A 227 -7.72 12.44 0.42
N LEU A 228 -8.30 12.25 1.59
CA LEU A 228 -9.67 11.74 1.70
C LEU A 228 -10.60 12.68 0.95
N ARG A 229 -10.47 14.00 1.19
CA ARG A 229 -11.33 14.95 0.53
C ARG A 229 -11.14 14.88 -1.01
N ASP A 230 -9.88 14.72 -1.44
CA ASP A 230 -9.65 14.60 -2.87
C ASP A 230 -10.37 13.44 -3.49
N ASN A 231 -10.34 12.29 -2.85
CA ASN A 231 -11.10 11.15 -3.38
C ASN A 231 -12.58 11.44 -3.33
N LEU A 232 -13.11 11.99 -2.24
CA LEU A 232 -14.54 12.26 -2.16
C LEU A 232 -14.96 13.16 -3.28
N THR A 233 -14.16 14.19 -3.63
CA THR A 233 -14.44 15.06 -4.74
C THR A 233 -14.49 14.35 -6.08
N LEU A 234 -13.59 13.44 -6.27
CA LEU A 234 -13.49 12.63 -7.50
C LEU A 234 -14.66 11.67 -7.59
N TRP A 235 -15.09 11.10 -6.49
CA TRP A 235 -16.09 10.04 -6.48
C TRP A 235 -17.54 10.46 -6.37
N THR A 236 -17.75 11.70 -6.02
CA THR A 236 -19.08 12.28 -5.88
C THR A 236 -19.34 13.39 -6.84
N GLN B 1 -7.71 11.68 -13.60
CA GLN B 1 -7.42 11.61 -12.11
C GLN B 1 -7.67 10.21 -11.56
N ARG B 2 -6.64 9.66 -10.95
CA ARG B 2 -6.81 8.36 -10.28
CA ARG B 2 -6.80 8.35 -10.28
C ARG B 2 -7.24 8.57 -8.85
N SER B 3 -7.82 7.52 -8.22
CA SER B 3 -7.98 7.54 -6.75
C SER B 3 -6.61 7.66 -6.09
N THR B 4 -6.53 8.45 -5.01
CA THR B 4 -5.31 8.66 -4.28
C THR B 4 -5.15 7.69 -3.06
N THR B 6 -2.05 6.23 0.05
CA THR B 6 -0.82 6.56 0.73
C THR B 6 -0.06 5.37 1.28
#